data_9D54
#
_entry.id   9D54
#
_cell.length_a   56.446
_cell.length_b   59.734
_cell.length_c   78.763
_cell.angle_alpha   90.00
_cell.angle_beta   90.00
_cell.angle_gamma   90.00
#
_symmetry.space_group_name_H-M   'P 2 21 21'
#
loop_
_entity.id
_entity.type
_entity.pdbx_description
1 polymer 'Carbapenem-hydrolyzing beta-lactamase KPC'
2 non-polymer '[(7-cyclopropyl-6-fluoro-1-methyl-2-oxo-1,2-dihydroquinolin-4-yl)methyl]phosphonic acid'
3 non-polymer 'SULFATE ION'
4 water water
#
_entity_poly.entity_id   1
_entity_poly.type   'polypeptide(L)'
_entity_poly.pdbx_seq_one_letter_code
;MGSSHHHHHHSSGLVPRGSHMLTNLVAEPFAKLEQDFGGSIGVYAMDTGSGATVSYRAEERFPLCSSFKGFLAAAVLARS
QQQAGLLDTPIRYGKNALVPWSPISEKYLTTGMTVAELSAAAVQYSDNAAANLLLKELGGPAGLTAFMRSIGDTTFRLDR
WELELNSAIPGDARDTSSPRAVTESLQKLTLGSALAAPQRQQFVDWLKGNTTGNHRIRAAVPADWAVGDKTGTCGVYGTA
NDYAVVWPTGRAPIVLAVYTRAPNKDDKHSEAVIAAAARLALEGLGVNGQ
;
_entity_poly.pdbx_strand_id   A
#
loop_
_chem_comp.id
_chem_comp.type
_chem_comp.name
_chem_comp.formula
A1A22 non-polymer '[(7-cyclopropyl-6-fluoro-1-methyl-2-oxo-1,2-dihydroquinolin-4-yl)methyl]phosphonic acid' 'C14 H15 F N O4 P'
SO4 non-polymer 'SULFATE ION' 'O4 S -2'
#
# COMPACT_ATOMS: atom_id res chain seq x y z
N HIS A 20 -6.77 21.17 -2.68
CA HIS A 20 -7.41 22.48 -2.55
C HIS A 20 -8.93 22.28 -2.59
N MET A 21 -9.53 21.89 -1.46
CA MET A 21 -10.97 21.54 -1.39
C MET A 21 -11.21 20.42 -2.39
N LEU A 22 -11.92 20.69 -3.51
CA LEU A 22 -12.30 19.67 -4.50
C LEU A 22 -13.11 18.55 -3.83
N THR A 23 -12.86 18.27 -2.55
CA THR A 23 -13.58 17.23 -1.76
C THR A 23 -15.10 17.42 -1.89
N ASN A 24 -15.60 18.65 -1.77
CA ASN A 24 -17.05 18.96 -1.76
C ASN A 24 -17.68 18.58 -3.10
N LEU A 25 -16.91 18.53 -4.20
CA LEU A 25 -17.48 18.01 -5.46
C LEU A 25 -17.97 16.57 -5.22
N VAL A 26 -17.41 15.87 -4.20
CA VAL A 26 -17.64 14.40 -3.95
C VAL A 26 -17.79 13.99 -2.46
N ALA A 27 -17.91 14.88 -1.45
CA ALA A 27 -18.21 14.52 -0.03
C ALA A 27 -19.54 13.72 0.12
N GLU A 28 -20.61 14.12 -0.55
CA GLU A 28 -21.92 13.40 -0.48
C GLU A 28 -21.82 12.02 -1.14
N PRO A 29 -21.33 11.91 -2.41
CA PRO A 29 -21.13 10.59 -3.03
C PRO A 29 -20.32 9.62 -2.17
N PHE A 30 -19.27 10.08 -1.46
CA PHE A 30 -18.46 9.19 -0.58
C PHE A 30 -19.31 8.68 0.59
N ALA A 31 -20.11 9.56 1.20
CA ALA A 31 -20.92 9.18 2.37
C ALA A 31 -21.96 8.15 1.90
N LYS A 32 -22.50 8.31 0.69
CA LYS A 32 -23.48 7.33 0.17
C LYS A 32 -22.74 6.01 -0.08
N LEU A 33 -21.56 6.06 -0.69
CA LEU A 33 -20.83 4.81 -0.97
C LEU A 33 -20.56 4.06 0.35
N GLU A 34 -20.12 4.75 1.39
CA GLU A 34 -19.75 4.00 2.59
C GLU A 34 -21.02 3.56 3.30
N GLN A 35 -22.14 4.30 3.21
CA GLN A 35 -23.42 3.79 3.77
C GLN A 35 -23.86 2.49 3.07
N ASP A 36 -23.71 2.38 1.76
CA ASP A 36 -24.04 1.14 1.00
C ASP A 36 -23.07 0.00 1.37
N PHE A 37 -21.77 0.31 1.53
CA PHE A 37 -20.77 -0.69 1.97
C PHE A 37 -21.09 -1.22 3.37
N GLY A 38 -21.48 -0.35 4.30
CA GLY A 38 -21.76 -0.74 5.70
C GLY A 38 -20.54 -0.63 6.59
N GLY A 39 -19.61 0.26 6.22
CA GLY A 39 -18.42 0.48 7.06
C GLY A 39 -17.85 1.82 6.79
N SER A 40 -16.53 1.96 6.93
CA SER A 40 -15.85 3.26 6.82
C SER A 40 -14.93 3.19 5.62
N ILE A 41 -14.93 4.23 4.82
CA ILE A 41 -13.98 4.37 3.70
C ILE A 41 -13.12 5.59 3.99
N GLY A 42 -11.81 5.45 3.77
CA GLY A 42 -10.84 6.55 3.93
C GLY A 42 -10.08 6.75 2.63
N VAL A 43 -10.09 7.97 2.14
CA VAL A 43 -9.48 8.32 0.84
C VAL A 43 -8.60 9.55 1.01
N TYR A 44 -7.44 9.54 0.37
CA TYR A 44 -6.65 10.77 0.13
C TYR A 44 -6.07 10.70 -1.27
N ALA A 45 -6.33 11.73 -2.07
CA ALA A 45 -5.76 11.75 -3.44
C ALA A 45 -5.13 13.13 -3.66
N MET A 46 -3.97 13.14 -4.28
CA MET A 46 -3.16 14.35 -4.55
C MET A 46 -2.91 14.44 -6.05
N ASP A 47 -3.26 15.58 -6.64
CA ASP A 47 -2.77 15.96 -7.99
C ASP A 47 -1.40 16.63 -7.83
N THR A 48 -0.34 15.97 -8.26
CA THR A 48 1.04 16.39 -8.01
C THR A 48 1.37 17.61 -8.87
N GLY A 49 0.54 17.90 -9.83
CA GLY A 49 0.70 19.11 -10.70
C GLY A 49 0.34 20.37 -9.97
N SER A 50 -0.90 20.46 -9.50
CA SER A 50 -1.53 21.67 -8.88
C SER A 50 -1.38 21.63 -7.36
N GLY A 51 -1.25 20.42 -6.79
CA GLY A 51 -1.31 20.23 -5.33
C GLY A 51 -2.73 20.10 -4.83
N ALA A 52 -3.72 20.05 -5.72
CA ALA A 52 -5.16 19.88 -5.42
C ALA A 52 -5.33 18.50 -4.73
N THR A 53 -6.15 18.45 -3.69
CA THR A 53 -6.38 17.17 -2.94
C THR A 53 -7.86 16.87 -2.85
N VAL A 54 -8.16 15.60 -2.63
CA VAL A 54 -9.49 15.09 -2.24
C VAL A 54 -9.25 14.27 -0.96
N SER A 55 -10.14 14.58 0.13
CA SER A 55 -9.95 13.92 1.44
C SER A 55 -11.30 13.43 1.89
N TYR A 56 -11.37 12.20 2.36
CA TYR A 56 -12.56 11.67 3.04
C TYR A 56 -12.06 10.75 4.14
N ARG A 57 -12.33 11.06 5.41
CA ARG A 57 -11.75 10.29 6.54
C ARG A 57 -10.24 10.12 6.37
N ALA A 58 -9.55 11.13 5.84
CA ALA A 58 -8.13 11.00 5.42
C ALA A 58 -7.16 10.93 6.61
N GLU A 59 -7.63 11.35 7.78
N GLU A 59 -7.57 11.37 7.79
CA GLU A 59 -6.80 11.42 9.01
CA GLU A 59 -6.68 11.40 8.98
C GLU A 59 -7.02 10.19 9.87
C GLU A 59 -7.14 10.31 9.98
N GLU A 60 -8.07 9.42 9.64
CA GLU A 60 -8.39 8.29 10.50
C GLU A 60 -7.36 7.18 10.26
N ARG A 61 -7.14 6.37 11.30
CA ARG A 61 -6.31 5.17 11.18
C ARG A 61 -7.14 4.04 10.60
N PHE A 62 -6.51 3.32 9.69
CA PHE A 62 -7.00 2.06 9.11
C PHE A 62 -5.88 1.04 9.20
N PRO A 63 -6.20 -0.25 9.37
CA PRO A 63 -5.17 -1.29 9.31
C PRO A 63 -4.47 -1.30 7.92
N LEU A 64 -3.17 -1.45 7.96
CA LEU A 64 -2.33 -1.53 6.75
C LEU A 64 -2.60 -2.83 6.02
N CYS A 65 -2.79 -3.92 6.75
CA CYS A 65 -2.83 -5.28 6.13
C CYS A 65 -1.55 -5.43 5.28
N SER A 66 -1.64 -6.02 4.10
CA SER A 66 -0.44 -6.26 3.26
C SER A 66 0.15 -4.97 2.71
N SER A 67 -0.54 -3.82 2.80
CA SER A 67 -0.05 -2.60 2.11
C SER A 67 1.29 -2.15 2.65
N PHE A 68 1.69 -2.56 3.86
CA PHE A 68 3.02 -2.18 4.38
C PHE A 68 4.10 -2.79 3.50
N LYS A 69 3.81 -3.84 2.73
CA LYS A 69 4.88 -4.56 1.97
C LYS A 69 5.47 -3.63 0.90
N GLY A 70 4.74 -2.65 0.38
CA GLY A 70 5.32 -1.73 -0.58
C GLY A 70 6.34 -0.85 0.12
N PHE A 71 5.98 -0.28 1.27
CA PHE A 71 6.93 0.55 2.06
C PHE A 71 8.14 -0.31 2.47
N LEU A 72 7.93 -1.58 2.78
CA LEU A 72 9.00 -2.54 3.16
C LEU A 72 10.01 -2.63 2.01
N ALA A 73 9.53 -2.80 0.78
CA ALA A 73 10.40 -2.89 -0.41
C ALA A 73 11.17 -1.58 -0.57
N ALA A 74 10.49 -0.45 -0.33
CA ALA A 74 11.13 0.87 -0.46
C ALA A 74 12.24 1.01 0.58
N ALA A 75 12.03 0.53 1.80
CA ALA A 75 13.05 0.55 2.87
C ALA A 75 14.27 -0.30 2.49
N VAL A 76 14.04 -1.47 1.89
CA VAL A 76 15.14 -2.36 1.41
C VAL A 76 15.90 -1.57 0.33
N LEU A 77 15.20 -0.92 -0.60
CA LEU A 77 15.89 -0.16 -1.67
C LEU A 77 16.68 0.98 -1.02
N ALA A 78 16.15 1.62 0.02
CA ALA A 78 16.89 2.72 0.68
C ALA A 78 18.15 2.14 1.31
N ARG A 79 18.06 0.98 1.95
CA ARG A 79 19.24 0.32 2.56
C ARG A 79 20.25 -0.03 1.46
N SER A 80 19.78 -0.41 0.27
CA SER A 80 20.66 -0.81 -0.86
C SER A 80 21.54 0.37 -1.30
N GLN A 81 21.14 1.60 -1.05
CA GLN A 81 21.94 2.80 -1.40
C GLN A 81 23.21 2.82 -0.53
N GLN A 82 23.16 2.25 0.68
CA GLN A 82 24.29 2.19 1.66
C GLN A 82 25.06 0.88 1.52
N GLN A 83 24.40 -0.22 1.15
CA GLN A 83 24.97 -1.60 1.11
C GLN A 83 24.91 -2.13 -0.32
N ALA A 84 25.99 -1.96 -1.08
CA ALA A 84 26.05 -2.26 -2.54
C ALA A 84 25.65 -3.72 -2.87
N GLY A 85 25.91 -4.66 -1.98
CA GLY A 85 25.66 -6.08 -2.31
C GLY A 85 24.24 -6.51 -1.98
N LEU A 86 23.43 -5.62 -1.39
CA LEU A 86 22.30 -6.12 -0.56
C LEU A 86 21.29 -6.82 -1.47
N LEU A 87 20.93 -6.17 -2.58
CA LEU A 87 19.83 -6.74 -3.43
C LEU A 87 20.19 -8.12 -4.01
N ASP A 88 21.48 -8.40 -4.22
CA ASP A 88 21.89 -9.70 -4.81
C ASP A 88 22.13 -10.78 -3.79
N THR A 89 21.94 -10.48 -2.50
CA THR A 89 22.29 -11.44 -1.44
C THR A 89 21.27 -12.59 -1.47
N PRO A 90 21.71 -13.84 -1.59
CA PRO A 90 20.83 -15.01 -1.49
C PRO A 90 20.40 -15.20 -0.05
N ILE A 91 19.13 -15.49 0.10
CA ILE A 91 18.50 -15.77 1.40
C ILE A 91 17.91 -17.17 1.36
N ARG A 92 18.35 -18.03 2.28
CA ARG A 92 17.80 -19.38 2.40
C ARG A 92 16.86 -19.37 3.57
N TYR A 93 15.84 -20.17 3.49
CA TYR A 93 14.78 -20.25 4.51
C TYR A 93 14.24 -21.66 4.58
N GLY A 94 13.69 -21.96 5.74
CA GLY A 94 13.09 -23.25 6.04
C GLY A 94 11.61 -23.30 5.80
N LYS A 95 11.04 -24.50 5.83
CA LYS A 95 9.61 -24.70 5.60
C LYS A 95 8.83 -23.91 6.65
N ASN A 96 9.33 -23.74 7.86
CA ASN A 96 8.56 -23.06 8.93
C ASN A 96 8.45 -21.56 8.62
N ALA A 97 9.22 -21.02 7.66
CA ALA A 97 9.05 -19.61 7.22
C ALA A 97 7.81 -19.44 6.32
N LEU A 98 7.26 -20.51 5.71
CA LEU A 98 6.18 -20.44 4.71
C LEU A 98 4.80 -20.38 5.34
N VAL A 99 4.47 -19.21 5.79
CA VAL A 99 3.11 -18.94 6.30
C VAL A 99 2.18 -18.80 5.12
N PRO A 100 0.86 -18.87 5.36
CA PRO A 100 -0.14 -18.75 4.32
C PRO A 100 0.04 -17.50 3.44
N TRP A 101 -0.28 -17.63 2.15
CA TRP A 101 -0.16 -16.60 1.09
C TRP A 101 1.33 -16.28 0.90
N SER A 102 2.08 -17.31 0.53
CA SER A 102 3.51 -17.21 0.14
C SER A 102 3.72 -17.87 -1.26
N PRO A 103 3.01 -17.36 -2.28
CA PRO A 103 2.93 -18.08 -3.55
C PRO A 103 4.24 -18.14 -4.31
N ILE A 104 5.15 -17.20 -4.14
CA ILE A 104 6.44 -17.22 -4.83
C ILE A 104 7.44 -17.97 -3.94
N SER A 105 7.56 -17.53 -2.69
N SER A 105 7.62 -17.59 -2.68
CA SER A 105 8.47 -18.12 -1.67
CA SER A 105 8.64 -18.22 -1.80
C SER A 105 8.40 -19.66 -1.73
C SER A 105 8.41 -19.73 -1.66
N GLU A 106 7.19 -20.22 -1.74
CA GLU A 106 6.97 -21.69 -1.67
C GLU A 106 7.62 -22.38 -2.87
N LYS A 107 7.79 -21.73 -4.02
CA LYS A 107 8.40 -22.35 -5.23
C LYS A 107 9.92 -22.40 -5.13
N TYR A 108 10.53 -21.61 -4.25
CA TYR A 108 12.00 -21.48 -4.11
C TYR A 108 12.49 -21.93 -2.72
N LEU A 109 11.67 -22.67 -1.98
CA LEU A 109 12.06 -23.21 -0.67
C LEU A 109 13.37 -23.95 -0.78
N THR A 110 13.50 -24.80 -1.80
CA THR A 110 14.66 -25.71 -1.88
C THR A 110 15.88 -24.97 -2.44
N THR A 111 15.75 -23.74 -2.92
CA THR A 111 16.85 -23.02 -3.60
C THR A 111 17.27 -21.73 -2.88
N GLY A 112 16.35 -21.08 -2.21
CA GLY A 112 16.47 -19.69 -1.76
C GLY A 112 16.15 -18.69 -2.85
N MET A 113 16.13 -17.41 -2.47
CA MET A 113 15.82 -16.31 -3.40
C MET A 113 16.70 -15.13 -3.01
N THR A 114 16.94 -14.21 -3.90
CA THR A 114 17.70 -13.00 -3.52
C THR A 114 16.82 -12.00 -2.76
N VAL A 115 17.48 -11.06 -2.12
CA VAL A 115 16.73 -9.95 -1.44
C VAL A 115 15.88 -9.23 -2.47
N ALA A 116 16.38 -8.88 -3.65
CA ALA A 116 15.61 -8.25 -4.71
C ALA A 116 14.39 -9.10 -5.12
N GLU A 117 14.60 -10.41 -5.26
CA GLU A 117 13.48 -11.31 -5.61
C GLU A 117 12.44 -11.33 -4.48
N LEU A 118 12.89 -11.40 -3.24
CA LEU A 118 11.91 -11.37 -2.10
C LEU A 118 11.11 -10.05 -2.14
N SER A 119 11.79 -8.94 -2.40
CA SER A 119 11.16 -7.61 -2.44
C SER A 119 10.12 -7.55 -3.54
N ALA A 120 10.46 -8.05 -4.75
CA ALA A 120 9.52 -8.14 -5.86
C ALA A 120 8.35 -9.05 -5.48
N ALA A 121 8.57 -10.16 -4.76
CA ALA A 121 7.47 -11.10 -4.41
C ALA A 121 6.55 -10.41 -3.40
N ALA A 122 7.13 -9.75 -2.43
CA ALA A 122 6.35 -9.02 -1.39
C ALA A 122 5.46 -7.99 -2.08
N VAL A 123 6.01 -7.23 -3.03
CA VAL A 123 5.22 -6.15 -3.68
C VAL A 123 4.19 -6.75 -4.62
N GLN A 124 4.59 -7.68 -5.47
CA GLN A 124 3.79 -8.01 -6.68
C GLN A 124 2.87 -9.19 -6.45
N TYR A 125 3.16 -10.02 -5.44
CA TYR A 125 2.34 -11.18 -5.06
C TYR A 125 1.96 -11.12 -3.60
N SER A 126 2.27 -10.03 -2.89
CA SER A 126 1.90 -9.89 -1.47
C SER A 126 2.47 -11.08 -0.67
N ASP A 127 3.59 -11.63 -1.08
CA ASP A 127 4.15 -12.87 -0.46
C ASP A 127 4.52 -12.67 1.01
N ASN A 128 3.90 -13.45 1.89
CA ASN A 128 4.03 -13.26 3.36
C ASN A 128 5.39 -13.73 3.88
N ALA A 129 5.85 -14.90 3.46
CA ALA A 129 7.17 -15.38 3.87
C ALA A 129 8.21 -14.32 3.44
N ALA A 130 8.12 -13.85 2.20
CA ALA A 130 9.07 -12.84 1.70
C ALA A 130 9.00 -11.61 2.61
N ALA A 131 7.78 -11.16 2.94
CA ALA A 131 7.63 -9.97 3.80
C ALA A 131 8.36 -10.20 5.15
N ASN A 132 8.14 -11.36 5.78
CA ASN A 132 8.74 -11.59 7.12
C ASN A 132 10.26 -11.68 7.01
N LEU A 133 10.74 -12.29 5.94
CA LEU A 133 12.21 -12.38 5.77
C LEU A 133 12.81 -11.00 5.58
N LEU A 134 12.15 -10.10 4.83
CA LEU A 134 12.70 -8.75 4.66
C LEU A 134 12.53 -7.93 5.94
N LEU A 135 11.42 -8.10 6.68
CA LEU A 135 11.31 -7.45 8.00
C LEU A 135 12.50 -7.84 8.87
N LYS A 136 12.85 -9.11 8.88
CA LYS A 136 14.00 -9.58 9.69
C LYS A 136 15.25 -8.81 9.25
N GLU A 137 15.48 -8.66 7.96
CA GLU A 137 16.66 -7.89 7.45
C GLU A 137 16.68 -6.48 8.00
N LEU A 138 15.51 -5.82 8.22
CA LEU A 138 15.49 -4.41 8.62
C LEU A 138 15.44 -4.26 10.14
N GLY A 139 15.41 -5.34 10.89
CA GLY A 139 15.30 -5.25 12.36
C GLY A 139 13.86 -5.24 12.79
N GLY A 140 12.96 -5.81 12.00
CA GLY A 140 11.60 -6.04 12.47
C GLY A 140 10.71 -4.84 12.18
N PRO A 141 9.45 -4.95 12.66
CA PRO A 141 8.46 -3.87 12.49
C PRO A 141 8.93 -2.48 12.95
N ALA A 142 9.74 -2.44 13.99
CA ALA A 142 10.31 -1.16 14.46
C ALA A 142 11.29 -0.59 13.42
N GLY A 143 12.02 -1.45 12.72
CA GLY A 143 12.94 -1.05 11.66
C GLY A 143 12.24 -0.40 10.50
N LEU A 144 11.11 -1.02 10.09
CA LEU A 144 10.33 -0.40 9.01
C LEU A 144 9.73 0.93 9.51
N THR A 145 9.21 0.96 10.73
CA THR A 145 8.66 2.21 11.30
C THR A 145 9.75 3.30 11.28
N ALA A 146 10.95 2.94 11.70
CA ALA A 146 12.12 3.86 11.69
C ALA A 146 12.34 4.42 10.29
N PHE A 147 12.31 3.59 9.25
CA PHE A 147 12.49 4.07 7.86
C PHE A 147 11.39 5.12 7.56
N MET A 148 10.13 4.83 7.90
CA MET A 148 9.02 5.76 7.61
C MET A 148 9.23 7.06 8.39
N ARG A 149 9.73 6.99 9.61
CA ARG A 149 10.02 8.26 10.34
C ARG A 149 11.11 9.06 9.64
N SER A 150 12.02 8.36 8.99
CA SER A 150 13.21 8.99 8.34
C SER A 150 12.77 9.81 7.14
N ILE A 151 11.67 9.45 6.48
CA ILE A 151 11.12 10.26 5.35
C ILE A 151 10.04 11.24 5.79
N GLY A 152 9.78 11.39 7.10
CA GLY A 152 8.91 12.41 7.69
C GLY A 152 7.49 11.92 7.87
N ASP A 153 7.28 10.61 7.84
CA ASP A 153 5.95 10.04 8.18
C ASP A 153 5.87 9.78 9.69
N THR A 154 5.04 10.54 10.42
CA THR A 154 4.94 10.40 11.87
C THR A 154 3.71 9.56 12.22
N THR A 155 2.95 9.12 11.24
CA THR A 155 1.68 8.43 11.51
C THR A 155 1.82 6.90 11.40
N PHE A 156 2.56 6.45 10.40
CA PHE A 156 2.76 5.02 10.15
C PHE A 156 3.26 4.30 11.38
N ARG A 157 2.64 3.18 11.70
CA ARG A 157 3.29 2.27 12.68
C ARG A 157 3.09 0.83 12.23
N LEU A 158 4.17 0.07 12.22
CA LEU A 158 4.09 -1.41 12.12
C LEU A 158 4.57 -1.93 13.47
N ASP A 159 3.82 -2.89 13.98
CA ASP A 159 3.96 -3.43 15.34
C ASP A 159 4.26 -4.92 15.34
N ARG A 160 3.71 -5.65 14.40
CA ARG A 160 3.71 -7.13 14.38
C ARG A 160 4.15 -7.63 13.02
N TRP A 161 4.28 -8.94 12.96
CA TRP A 161 4.72 -9.67 11.73
C TRP A 161 3.53 -10.32 11.04
N GLU A 162 3.76 -10.94 9.90
CA GLU A 162 2.70 -11.72 9.24
C GLU A 162 2.59 -13.05 9.96
N LEU A 163 1.37 -13.56 10.35
CA LEU A 163 0.08 -13.06 9.95
C LEU A 163 -0.56 -12.20 11.03
N GLU A 164 0.01 -12.08 12.22
CA GLU A 164 -0.69 -11.44 13.37
C GLU A 164 -1.07 -9.99 13.06
N LEU A 165 -0.29 -9.30 12.22
CA LEU A 165 -0.60 -7.87 11.93
C LEU A 165 -1.95 -7.71 11.23
N ASN A 166 -2.65 -8.77 10.82
CA ASN A 166 -3.93 -8.64 10.09
C ASN A 166 -5.16 -8.60 11.01
N SER A 167 -5.00 -8.58 12.35
CA SER A 167 -6.16 -8.74 13.25
C SER A 167 -7.21 -7.64 13.06
N ALA A 168 -6.80 -6.42 12.68
CA ALA A 168 -7.75 -5.34 12.28
C ALA A 168 -8.81 -5.10 13.36
N ILE A 169 -8.38 -5.14 14.62
CA ILE A 169 -9.31 -5.02 15.76
C ILE A 169 -9.80 -3.59 15.79
N PRO A 170 -11.11 -3.34 15.93
CA PRO A 170 -11.63 -1.98 16.00
C PRO A 170 -11.04 -1.16 17.16
N GLY A 171 -10.48 -0.01 16.77
CA GLY A 171 -9.84 0.93 17.71
C GLY A 171 -8.40 0.62 18.00
N ASP A 172 -7.86 -0.47 17.48
CA ASP A 172 -6.46 -0.86 17.76
C ASP A 172 -5.58 -0.06 16.81
N ALA A 173 -4.66 0.76 17.32
CA ALA A 173 -3.75 1.51 16.43
C ALA A 173 -2.58 0.67 15.94
N ARG A 174 -2.33 -0.50 16.47
CA ARG A 174 -1.20 -1.32 15.96
C ARG A 174 -1.34 -1.58 14.45
N ASP A 175 -0.23 -1.47 13.72
CA ASP A 175 -0.26 -1.91 12.30
C ASP A 175 -1.25 -1.07 11.50
N THR A 176 -1.25 0.25 11.70
CA THR A 176 -2.15 1.18 10.99
C THR A 176 -1.37 2.35 10.40
N SER A 177 -2.05 3.07 9.50
CA SER A 177 -1.64 4.43 9.15
C SER A 177 -2.93 5.15 8.73
N SER A 178 -2.80 6.35 8.22
CA SER A 178 -3.94 7.13 7.67
C SER A 178 -3.79 7.20 6.15
N PRO A 179 -4.92 7.32 5.42
CA PRO A 179 -4.85 7.49 3.98
C PRO A 179 -3.94 8.65 3.56
N ARG A 180 -4.04 9.77 4.29
N ARG A 180 -4.04 9.76 4.31
CA ARG A 180 -3.19 10.96 3.98
CA ARG A 180 -3.20 10.94 4.00
C ARG A 180 -1.71 10.58 4.16
C ARG A 180 -1.72 10.57 4.16
N ALA A 181 -1.33 9.97 5.30
CA ALA A 181 0.11 9.66 5.54
C ALA A 181 0.62 8.67 4.49
N VAL A 182 -0.21 7.71 4.12
CA VAL A 182 0.16 6.72 3.08
C VAL A 182 0.44 7.42 1.76
N THR A 183 -0.47 8.29 1.34
CA THR A 183 -0.32 9.04 0.07
C THR A 183 0.93 9.92 0.15
N GLU A 184 1.08 10.66 1.26
CA GLU A 184 2.26 11.56 1.39
C GLU A 184 3.55 10.75 1.25
N SER A 185 3.63 9.61 1.92
CA SER A 185 4.86 8.78 1.91
C SER A 185 5.07 8.18 0.51
N LEU A 186 4.00 7.70 -0.11
CA LEU A 186 4.11 7.12 -1.46
C LEU A 186 4.60 8.18 -2.42
N GLN A 187 4.13 9.41 -2.32
CA GLN A 187 4.58 10.49 -3.22
C GLN A 187 6.09 10.70 -3.04
N LYS A 188 6.54 10.78 -1.79
CA LYS A 188 7.96 11.03 -1.50
C LYS A 188 8.84 9.92 -2.10
N LEU A 189 8.39 8.67 -2.04
CA LEU A 189 9.18 7.52 -2.47
C LEU A 189 9.15 7.33 -3.98
N THR A 190 8.08 7.60 -4.66
CA THR A 190 7.90 7.29 -6.10
C THR A 190 8.22 8.49 -6.97
N LEU A 191 8.00 9.70 -6.45
CA LEU A 191 8.06 10.93 -7.28
C LEU A 191 8.97 11.97 -6.65
N GLY A 192 9.16 11.91 -5.34
CA GLY A 192 10.01 12.89 -4.65
C GLY A 192 11.43 12.41 -4.55
N SER A 193 12.12 12.81 -3.49
CA SER A 193 13.58 12.60 -3.39
C SER A 193 13.95 11.69 -2.23
N ALA A 194 13.01 10.92 -1.67
CA ALA A 194 13.29 10.02 -0.56
C ALA A 194 14.21 8.89 -0.98
N LEU A 195 14.17 8.45 -2.24
CA LEU A 195 15.06 7.41 -2.80
C LEU A 195 15.98 8.06 -3.85
N ALA A 196 17.18 7.53 -4.01
CA ALA A 196 18.03 7.83 -5.20
C ALA A 196 17.29 7.45 -6.49
N ALA A 197 17.57 8.10 -7.62
CA ALA A 197 16.81 7.93 -8.87
C ALA A 197 16.72 6.45 -9.28
N PRO A 198 17.80 5.65 -9.30
CA PRO A 198 17.67 4.27 -9.75
C PRO A 198 16.71 3.45 -8.86
N GLN A 199 16.89 3.64 -7.56
CA GLN A 199 16.03 3.00 -6.52
C GLN A 199 14.59 3.45 -6.70
N ARG A 200 14.36 4.73 -6.89
CA ARG A 200 12.99 5.26 -7.13
C ARG A 200 12.40 4.52 -8.31
N GLN A 201 13.15 4.39 -9.44
CA GLN A 201 12.53 3.77 -10.64
C GLN A 201 12.29 2.28 -10.35
N GLN A 202 13.16 1.61 -9.58
CA GLN A 202 12.92 0.20 -9.24
C GLN A 202 11.63 0.07 -8.44
N PHE A 203 11.41 0.96 -7.50
CA PHE A 203 10.17 0.92 -6.66
C PHE A 203 8.95 1.09 -7.56
N VAL A 204 8.99 2.09 -8.44
CA VAL A 204 7.90 2.31 -9.42
C VAL A 204 7.70 1.06 -10.25
N ASP A 205 8.77 0.47 -10.76
CA ASP A 205 8.60 -0.71 -11.63
C ASP A 205 7.98 -1.89 -10.86
N TRP A 206 8.37 -2.09 -9.60
CA TRP A 206 7.74 -3.17 -8.78
C TRP A 206 6.24 -2.88 -8.64
N LEU A 207 5.85 -1.66 -8.27
CA LEU A 207 4.43 -1.32 -8.11
C LEU A 207 3.69 -1.50 -9.44
N LYS A 208 4.30 -1.06 -10.56
CA LYS A 208 3.63 -1.23 -11.90
C LYS A 208 3.37 -2.70 -12.21
N GLY A 209 4.26 -3.59 -11.76
CA GLY A 209 4.14 -5.03 -11.98
C GLY A 209 3.25 -5.74 -11.00
N ASN A 210 2.61 -5.05 -10.08
CA ASN A 210 1.75 -5.76 -9.10
C ASN A 210 0.67 -6.58 -9.81
N THR A 211 0.39 -7.78 -9.31
CA THR A 211 -0.60 -8.71 -9.89
C THR A 211 -1.89 -8.78 -9.11
N THR A 212 -1.97 -8.17 -7.91
CA THR A 212 -3.08 -8.43 -6.96
C THR A 212 -4.12 -7.33 -6.93
N GLY A 213 -3.96 -6.30 -7.75
CA GLY A 213 -4.74 -5.06 -7.66
C GLY A 213 -5.66 -4.83 -8.84
N ASN A 214 -5.94 -5.82 -9.68
CA ASN A 214 -6.67 -5.54 -10.92
C ASN A 214 -8.10 -5.07 -10.64
N HIS A 215 -8.68 -5.41 -9.48
CA HIS A 215 -10.09 -5.10 -9.17
C HIS A 215 -10.23 -3.91 -8.22
N ARG A 216 -9.14 -3.19 -8.00
CA ARG A 216 -9.18 -2.05 -7.04
C ARG A 216 -8.90 -0.74 -7.79
N ILE A 217 -7.88 0.02 -7.40
CA ILE A 217 -7.71 1.35 -8.04
C ILE A 217 -7.57 1.15 -9.55
N ARG A 218 -6.85 0.12 -10.00
CA ARG A 218 -6.65 -0.18 -11.45
C ARG A 218 -8.00 -0.26 -12.16
N ALA A 219 -9.05 -0.78 -11.53
CA ALA A 219 -10.37 -0.90 -12.17
C ALA A 219 -10.98 0.46 -12.51
N ALA A 220 -10.45 1.54 -11.94
CA ALA A 220 -10.96 2.92 -12.12
C ALA A 220 -10.03 3.68 -13.06
N VAL A 221 -8.99 3.07 -13.60
CA VAL A 221 -7.94 3.78 -14.40
C VAL A 221 -8.03 3.33 -15.86
N PRO A 222 -8.15 4.26 -16.83
CA PRO A 222 -8.11 3.93 -18.25
C PRO A 222 -6.86 3.14 -18.67
N ALA A 223 -6.98 2.26 -19.68
CA ALA A 223 -5.90 1.35 -20.13
C ALA A 223 -4.71 2.12 -20.65
N ASP A 224 -4.88 3.39 -21.06
CA ASP A 224 -3.75 4.11 -21.68
C ASP A 224 -3.01 4.90 -20.62
N TRP A 225 -3.35 4.75 -19.33
CA TRP A 225 -2.64 5.42 -18.22
C TRP A 225 -1.76 4.40 -17.49
N ALA A 226 -0.56 4.79 -17.14
CA ALA A 226 0.32 3.89 -16.34
C ALA A 226 -0.12 3.95 -14.85
N VAL A 227 -0.01 2.81 -14.17
CA VAL A 227 -0.41 2.74 -12.76
C VAL A 227 0.48 1.73 -12.03
N GLY A 228 0.91 2.10 -10.83
CA GLY A 228 1.57 1.14 -9.93
C GLY A 228 0.75 1.12 -8.62
N ASP A 229 0.55 -0.02 -8.04
CA ASP A 229 -0.27 -0.07 -6.82
C ASP A 229 0.24 -1.16 -5.88
N LYS A 230 -0.18 -1.05 -4.62
CA LYS A 230 0.00 -2.12 -3.62
C LYS A 230 -1.28 -2.33 -2.82
N THR A 231 -1.79 -3.56 -2.78
CA THR A 231 -3.04 -3.93 -2.10
C THR A 231 -2.81 -4.34 -0.65
N GLY A 232 -3.88 -4.37 0.10
CA GLY A 232 -3.88 -5.03 1.43
C GLY A 232 -5.25 -5.60 1.72
N THR A 233 -5.28 -6.81 2.26
CA THR A 233 -6.53 -7.48 2.62
C THR A 233 -6.35 -8.22 3.94
N CYS A 234 -7.00 -7.80 4.99
CA CYS A 234 -6.79 -8.42 6.31
C CYS A 234 -7.64 -9.68 6.46
N GLY A 235 -8.77 -9.75 5.78
CA GLY A 235 -9.59 -10.97 5.80
C GLY A 235 -10.63 -10.96 6.92
N VAL A 236 -10.70 -9.90 7.71
CA VAL A 236 -11.71 -9.69 8.76
C VAL A 236 -12.13 -8.21 8.82
N TYR A 237 -13.22 -7.94 9.51
CA TYR A 237 -13.64 -6.56 9.80
C TYR A 237 -13.74 -5.74 8.50
N GLY A 238 -14.18 -6.33 7.40
CA GLY A 238 -14.43 -5.56 6.17
C GLY A 238 -13.19 -4.77 5.77
N THR A 239 -12.00 -5.24 6.12
CA THR A 239 -10.78 -4.40 6.06
C THR A 239 -9.91 -4.76 4.85
N ALA A 240 -9.75 -3.81 3.93
CA ALA A 240 -8.91 -3.98 2.73
C ALA A 240 -8.61 -2.63 2.15
N ASN A 241 -7.61 -2.55 1.30
CA ASN A 241 -7.12 -1.24 0.87
C ASN A 241 -6.30 -1.39 -0.41
N ASP A 242 -5.91 -0.23 -0.93
CA ASP A 242 -5.03 -0.16 -2.09
C ASP A 242 -4.46 1.25 -2.12
N TYR A 243 -3.21 1.39 -2.52
CA TYR A 243 -2.66 2.72 -2.83
C TYR A 243 -1.96 2.64 -4.16
N ALA A 244 -1.90 3.77 -4.84
CA ALA A 244 -1.38 3.78 -6.23
C ALA A 244 -0.79 5.14 -6.57
N VAL A 245 0.12 5.07 -7.55
CA VAL A 245 0.53 6.26 -8.32
C VAL A 245 -0.05 6.02 -9.72
N VAL A 246 -0.67 7.04 -10.27
CA VAL A 246 -1.32 6.94 -11.59
C VAL A 246 -0.70 8.04 -12.46
N TRP A 247 -0.33 7.69 -13.69
CA TRP A 247 0.23 8.66 -14.66
C TRP A 247 -0.76 8.87 -15.81
N PRO A 248 -1.70 9.83 -15.68
CA PRO A 248 -2.59 10.12 -16.76
C PRO A 248 -1.74 10.71 -17.89
N THR A 249 -2.23 10.57 -19.12
CA THR A 249 -1.51 11.17 -20.24
C THR A 249 -1.71 12.69 -20.22
N GLY A 250 -0.64 13.44 -20.49
CA GLY A 250 -0.82 14.88 -20.70
C GLY A 250 -1.01 15.69 -19.43
N ARG A 251 -0.85 15.10 -18.24
CA ARG A 251 -0.90 15.85 -16.96
C ARG A 251 -0.02 15.15 -15.94
N ALA A 252 0.22 15.86 -14.82
CA ALA A 252 1.12 15.33 -13.77
C ALA A 252 0.44 14.12 -13.12
N PRO A 253 1.28 13.27 -12.54
CA PRO A 253 0.79 12.09 -11.85
C PRO A 253 -0.12 12.38 -10.66
N ILE A 254 -0.97 11.39 -10.35
CA ILE A 254 -1.88 11.45 -9.19
C ILE A 254 -1.44 10.36 -8.21
N VAL A 255 -1.42 10.70 -6.92
CA VAL A 255 -1.10 9.68 -5.89
C VAL A 255 -2.33 9.51 -5.00
N LEU A 256 -2.76 8.28 -4.74
CA LEU A 256 -3.97 8.12 -3.93
C LEU A 256 -3.93 6.84 -3.08
N ALA A 257 -4.70 6.90 -2.01
CA ALA A 257 -4.84 5.79 -1.05
C ALA A 257 -6.29 5.59 -0.76
N VAL A 258 -6.74 4.34 -0.74
CA VAL A 258 -8.16 4.00 -0.46
C VAL A 258 -8.14 2.86 0.55
N TYR A 259 -8.65 3.11 1.75
CA TYR A 259 -8.67 2.14 2.88
C TYR A 259 -10.11 1.93 3.33
N THR A 260 -10.43 0.72 3.71
CA THR A 260 -11.77 0.41 4.28
C THR A 260 -11.63 -0.39 5.56
N ARG A 261 -12.64 -0.27 6.40
N ARG A 261 -12.63 -0.27 6.40
CA ARG A 261 -12.86 -1.17 7.55
CA ARG A 261 -12.85 -1.17 7.55
C ARG A 261 -14.35 -1.15 7.87
C ARG A 261 -14.34 -1.15 7.88
N ALA A 262 -14.79 -2.07 8.73
CA ALA A 262 -16.20 -2.22 9.06
C ALA A 262 -16.28 -2.71 10.49
N PRO A 263 -17.45 -2.59 11.12
CA PRO A 263 -17.55 -2.79 12.58
C PRO A 263 -17.50 -4.24 13.06
N ASN A 264 -17.94 -5.19 12.25
CA ASN A 264 -18.11 -6.58 12.71
C ASN A 264 -17.03 -7.48 12.13
N LYS A 265 -16.58 -8.45 12.89
CA LYS A 265 -15.45 -9.32 12.50
C LYS A 265 -15.80 -10.05 11.19
N ASP A 266 -17.02 -10.54 11.02
N ASP A 266 -17.07 -10.40 11.08
CA ASP A 266 -17.35 -11.28 9.77
CA ASP A 266 -17.58 -11.22 9.96
C ASP A 266 -17.98 -10.36 8.72
C ASP A 266 -17.81 -10.38 8.70
N ASP A 267 -17.81 -9.04 8.81
CA ASP A 267 -18.05 -8.15 7.65
C ASP A 267 -17.01 -8.46 6.57
N LYS A 268 -17.49 -8.45 5.34
CA LYS A 268 -16.60 -8.78 4.20
C LYS A 268 -16.12 -7.48 3.58
N HIS A 269 -14.88 -7.48 3.15
CA HIS A 269 -14.39 -6.37 2.32
C HIS A 269 -15.04 -6.39 0.94
N SER A 270 -14.90 -5.29 0.24
CA SER A 270 -15.44 -5.15 -1.15
C SER A 270 -14.38 -4.51 -2.05
N GLU A 271 -13.92 -5.27 -3.06
CA GLU A 271 -13.00 -4.68 -4.04
C GLU A 271 -13.80 -3.63 -4.84
N ALA A 272 -15.05 -3.90 -5.19
CA ALA A 272 -15.86 -2.92 -5.94
C ALA A 272 -15.96 -1.57 -5.22
N VAL A 273 -16.12 -1.58 -3.89
CA VAL A 273 -16.20 -0.32 -3.13
C VAL A 273 -14.84 0.41 -3.25
N ILE A 274 -13.73 -0.33 -3.19
CA ILE A 274 -12.41 0.36 -3.34
C ILE A 274 -12.29 0.99 -4.74
N ALA A 275 -12.69 0.28 -5.80
CA ALA A 275 -12.64 0.83 -7.18
C ALA A 275 -13.59 2.05 -7.27
N ALA A 276 -14.78 1.98 -6.68
CA ALA A 276 -15.76 3.09 -6.74
C ALA A 276 -15.19 4.32 -6.03
N ALA A 277 -14.56 4.12 -4.87
CA ALA A 277 -13.95 5.20 -4.09
C ALA A 277 -12.85 5.83 -4.94
N ALA A 278 -12.02 5.02 -5.59
CA ALA A 278 -10.94 5.51 -6.45
C ALA A 278 -11.55 6.37 -7.58
N ARG A 279 -12.60 5.88 -8.22
N ARG A 279 -12.61 5.89 -8.22
CA ARG A 279 -13.30 6.63 -9.30
CA ARG A 279 -13.25 6.62 -9.32
C ARG A 279 -13.73 8.00 -8.77
C ARG A 279 -13.75 7.98 -8.79
N LEU A 280 -14.37 8.02 -7.61
CA LEU A 280 -14.87 9.30 -7.00
C LEU A 280 -13.70 10.23 -6.73
N ALA A 281 -12.58 9.72 -6.23
CA ALA A 281 -11.39 10.57 -5.96
C ALA A 281 -10.91 11.21 -7.25
N LEU A 282 -10.78 10.41 -8.29
CA LEU A 282 -10.28 10.92 -9.59
C LEU A 282 -11.29 11.94 -10.14
N GLU A 283 -12.57 11.65 -10.03
CA GLU A 283 -13.63 12.62 -10.47
C GLU A 283 -13.49 13.94 -9.70
N GLY A 284 -13.26 13.88 -8.39
CA GLY A 284 -13.04 15.09 -7.57
C GLY A 284 -11.86 15.90 -8.06
N LEU A 285 -10.81 15.25 -8.50
CA LEU A 285 -9.58 15.95 -8.97
C LEU A 285 -9.80 16.49 -10.39
N GLY A 286 -10.89 16.10 -11.04
CA GLY A 286 -11.22 16.57 -12.40
C GLY A 286 -10.52 15.73 -13.42
N VAL A 287 -10.08 14.55 -13.03
CA VAL A 287 -9.23 13.72 -13.91
C VAL A 287 -10.15 12.85 -14.78
N ASN A 288 -9.92 13.01 -16.08
CA ASN A 288 -10.46 12.26 -17.26
C ASN A 288 -11.01 10.85 -16.89
C13 A1A22 B . -4.49 -11.06 -0.24
C20 A1A22 B . -6.78 -11.82 -0.01
C01 A1A22 B . -7.66 -12.92 2.10
N02 A1A22 B . -6.52 -12.29 1.32
C03 A1A22 B . -5.20 -12.14 1.96
C04 A1A22 B . -5.01 -12.57 3.28
C05 A1A22 B . -3.79 -12.45 3.90
C06 A1A22 B . -3.67 -12.97 5.35
C07 A1A22 B . -4.71 -12.56 6.39
C08 A1A22 B . -4.55 -14.03 5.99
C09 A1A22 B . -2.75 -11.86 3.17
F10 A1A22 B . -1.54 -11.70 3.83
C11 A1A22 B . -2.94 -11.39 1.82
C12 A1A22 B . -4.20 -11.54 1.17
C14 A1A22 B . -3.39 -10.31 -1.01
P15 A1A22 B . -3.40 -8.53 -0.42
O16 A1A22 B . -2.18 -7.87 -1.00
O17 A1A22 B . -3.31 -8.50 1.09
O18 A1A22 B . -4.67 -7.91 -0.98
C19 A1A22 B . -5.76 -11.12 -0.87
O21 A1A22 B . -7.85 -11.93 -0.49
S SO4 C . 11.29 -15.27 -8.82
O1 SO4 C . 10.22 -15.97 -8.25
O2 SO4 C . 11.35 -13.95 -8.28
O3 SO4 C . 12.52 -15.96 -8.55
O4 SO4 C . 11.08 -15.18 -10.24
S SO4 D . 13.46 -7.73 -9.67
O1 SO4 D . 12.18 -7.47 -10.19
O2 SO4 D . 14.14 -6.53 -9.34
O3 SO4 D . 13.39 -8.60 -8.50
O4 SO4 D . 14.21 -8.46 -10.65
S SO4 E . -20.28 -0.32 -5.26
O1 SO4 E . -21.61 0.23 -5.19
O2 SO4 E . -19.48 0.25 -4.25
O3 SO4 E . -20.37 -1.76 -5.07
O4 SO4 E . -19.71 -0.01 -6.55
S SO4 F . 8.44 -13.85 13.51
O1 SO4 F . 7.28 -13.29 14.15
O2 SO4 F . 9.60 -13.10 13.90
O3 SO4 F . 8.62 -15.23 13.90
O4 SO4 F . 8.31 -13.80 12.08
#